data_8FXV
#
_entry.id   8FXV
#
_cell.length_a   70.750
_cell.length_b   78.160
_cell.length_c   88.890
_cell.angle_alpha   90.00
_cell.angle_beta   90.00
_cell.angle_gamma   90.00
#
_symmetry.space_group_name_H-M   'P 21 2 21'
#
loop_
_entity.id
_entity.type
_entity.pdbx_description
1 polymer 'Transforming growth factor beta-2 proprotein'
2 polymer 'Nanobody clone 18'
3 non-polymer 2-acetamido-2-deoxy-beta-D-glucopyranose
4 water water
#
loop_
_entity_poly.entity_id
_entity_poly.type
_entity_poly.pdbx_seq_one_letter_code
_entity_poly.pdbx_strand_id
1 'polypeptide(L)'
;GPSLSTSSTLDMDQFMRKRIEAIRGQILSKLKLTSPPEDYPEPEEVPPEVISIYNSTRDLLQEKASRRAAACERERSDEE
YYAKEVYKIDMPPFFPSENAIPPTFYRPYFRIVRFDVSAMEKRASNLVKAEFRVFRLQNPKARVPEQRIELYQILKSKDL
TSPTQRYIDSKVVKTRAEGEWLSFDVTDAVHEWLHHKDRNLGFKISLHCPCCTFVPSNNYIIPNKSEELEARFAGIDGTS
TYTSGDQKTIKSTRKKNSGKTPHLLLMLLPSYRLESQQTNGALDAAYCFRNVQDNCCLRPLYIDFKRDLGWKWIHEPKGY
NANFCAGACPYLWSSDTQHSRVLSLYNTINPEASASPCCVSQDLEPLTILYYIGKTPKIEQLSNMIVKSCKCS
;
A
2 'polypeptide(L)'
;QVQLQESGGGLVQAGGSLRLSCAASGYISNDDVMGWYRQAPGKEREFVAAISVGASTNYADSVKGRFTISRDNAKNTVYL
QMNSLKPEDTAVYYCAAQSEGGYWFGYWGQGTQVTVSSHHHHHH
;
B
#
loop_
_chem_comp.id
_chem_comp.type
_chem_comp.name
_chem_comp.formula
NAG D-saccharide, beta linking 2-acetamido-2-deoxy-beta-D-glucopyranose 'C8 H15 N O6'
#
# COMPACT_ATOMS: atom_id res chain seq x y z
N ASP A 11 10.43 -23.75 37.82
CA ASP A 11 11.66 -23.10 38.35
C ASP A 11 11.60 -21.61 38.07
N MET A 12 11.14 -21.22 36.87
CA MET A 12 11.08 -19.79 36.47
C MET A 12 12.52 -19.29 36.54
N ASP A 13 13.48 -20.19 36.81
CA ASP A 13 14.88 -19.78 36.80
C ASP A 13 15.51 -20.10 35.45
N GLN A 14 15.62 -21.40 35.15
CA GLN A 14 16.14 -21.82 33.85
C GLN A 14 15.16 -21.50 32.73
N PHE A 15 13.87 -21.52 33.04
CA PHE A 15 12.83 -21.22 32.02
C PHE A 15 13.08 -19.81 31.47
N MET A 16 13.42 -18.87 32.33
CA MET A 16 13.59 -17.48 31.85
C MET A 16 14.94 -17.38 31.15
N ARG A 17 15.96 -18.03 31.68
CA ARG A 17 17.31 -17.89 31.08
C ARG A 17 17.35 -18.63 29.75
N LYS A 18 16.78 -19.82 29.69
CA LYS A 18 16.72 -20.52 28.40
C LYS A 18 15.94 -19.70 27.38
N ARG A 19 14.92 -18.96 27.82
CA ARG A 19 14.16 -18.11 26.91
C ARG A 19 14.99 -16.93 26.43
N ILE A 20 15.70 -16.26 27.35
CA ILE A 20 16.60 -15.17 26.97
C ILE A 20 17.65 -15.66 25.99
N GLU A 21 18.25 -16.82 26.27
CA GLU A 21 19.31 -17.33 25.41
C GLU A 21 18.78 -17.74 24.05
N ALA A 22 17.57 -18.29 24.00
CA ALA A 22 16.96 -18.60 22.71
C ALA A 22 16.71 -17.33 21.91
N ILE A 23 16.31 -16.25 22.60
CA ILE A 23 16.08 -14.98 21.93
C ILE A 23 17.39 -14.43 21.36
N ARG A 24 18.49 -14.61 22.10
CA ARG A 24 19.79 -14.16 21.61
C ARG A 24 20.11 -14.79 20.26
N GLY A 25 20.03 -16.11 20.16
CA GLY A 25 20.29 -16.77 18.90
C GLY A 25 19.22 -16.48 17.86
N GLN A 26 17.98 -16.29 18.28
CA GLN A 26 16.90 -16.02 17.33
C GLN A 26 17.12 -14.70 16.62
N ILE A 27 17.49 -13.65 17.34
CA ILE A 27 17.71 -12.34 16.73
C ILE A 27 18.89 -12.40 15.77
N LEU A 28 20.00 -12.98 16.21
CA LEU A 28 21.17 -13.08 15.35
C LEU A 28 20.90 -13.95 14.14
N SER A 29 20.20 -15.07 14.33
CA SER A 29 19.86 -15.95 13.21
C SER A 29 18.97 -15.23 12.20
N LYS A 30 17.92 -14.55 12.69
CA LYS A 30 17.01 -13.86 11.78
C LYS A 30 17.69 -12.75 11.00
N LEU A 31 18.73 -12.15 11.57
CA LEU A 31 19.53 -11.15 10.87
C LEU A 31 20.66 -11.76 10.06
N LYS A 32 20.81 -13.09 10.11
CA LYS A 32 21.91 -13.79 9.38
C LYS A 32 23.27 -13.32 9.89
N LEU A 33 23.37 -12.96 11.17
CA LEU A 33 24.63 -12.57 11.78
C LEU A 33 25.16 -13.73 12.61
N THR A 34 26.47 -13.93 12.61
CA THR A 34 27.05 -15.00 13.45
C THR A 34 27.39 -14.43 14.83
N SER A 35 27.47 -13.11 14.94
CA SER A 35 27.82 -12.46 16.22
C SER A 35 27.34 -11.00 16.16
N PRO A 36 27.10 -10.34 17.30
CA PRO A 36 26.71 -8.92 17.30
C PRO A 36 27.74 -8.07 16.58
N PRO A 37 27.31 -7.07 15.83
CA PRO A 37 28.26 -6.25 15.05
C PRO A 37 28.96 -5.24 15.94
N GLU A 38 30.25 -5.45 16.19
CA GLU A 38 31.07 -4.54 17.03
C GLU A 38 31.30 -3.21 16.30
N TYR A 40 30.14 -0.29 15.79
CA TYR A 40 28.84 0.43 15.89
C TYR A 40 29.01 1.73 16.66
N PRO A 41 28.24 2.79 16.35
CA PRO A 41 28.27 4.03 17.11
C PRO A 41 27.26 3.93 18.24
N GLU A 42 27.32 4.82 19.23
CA GLU A 42 26.32 4.88 20.33
C GLU A 42 25.88 6.35 20.46
N PRO A 43 25.31 6.95 19.40
CA PRO A 43 24.97 8.38 19.43
C PRO A 43 23.78 8.80 20.30
N GLU A 44 23.42 10.08 20.26
CA GLU A 44 22.27 10.62 21.01
C GLU A 44 21.37 11.39 20.03
N VAL A 46 20.66 10.35 16.94
CA VAL A 46 20.36 9.66 15.69
C VAL A 46 19.44 10.58 14.89
N PRO A 47 19.66 10.75 13.59
CA PRO A 47 18.82 11.68 12.81
C PRO A 47 17.34 11.37 12.98
N PRO A 48 16.50 12.39 13.18
CA PRO A 48 15.06 12.15 13.27
C PRO A 48 14.45 11.58 12.00
N GLU A 49 15.13 11.72 10.85
CA GLU A 49 14.68 11.05 9.64
C GLU A 49 14.86 9.54 9.74
N VAL A 50 15.81 9.09 10.56
CA VAL A 50 15.98 7.66 10.80
C VAL A 50 14.97 7.16 11.84
N ILE A 51 14.74 7.95 12.89
CA ILE A 51 13.77 7.56 13.91
C ILE A 51 12.36 7.48 13.31
N SER A 52 12.05 8.36 12.35
CA SER A 52 10.73 8.35 11.74
C SER A 52 10.44 7.02 11.05
N ILE A 53 11.44 6.45 10.38
CA ILE A 53 11.27 5.13 9.75
C ILE A 53 10.93 4.09 10.82
N TYR A 54 11.73 4.06 11.89
CA TYR A 54 11.45 3.13 12.98
C TYR A 54 10.09 3.43 13.63
N ASN A 55 9.80 4.71 13.86
CA ASN A 55 8.56 5.08 14.52
C ASN A 55 7.34 4.65 13.70
N SER A 56 7.41 4.80 12.38
CA SER A 56 6.28 4.42 11.54
C SER A 56 6.10 2.91 11.49
N THR A 57 7.21 2.17 11.42
CA THR A 57 7.13 0.70 11.39
C THR A 57 6.55 0.16 12.69
N ARG A 58 7.06 0.66 13.82
CA ARG A 58 6.52 0.27 15.11
C ARG A 58 5.05 0.62 15.22
N ASP A 59 4.69 1.85 14.85
CA ASP A 59 3.30 2.29 14.96
C ASP A 59 2.38 1.45 14.07
N LEU A 60 2.84 1.11 12.87
CA LEU A 60 2.02 0.26 12.00
C LEU A 60 1.75 -1.08 12.66
N LEU A 61 2.77 -1.67 13.28
CA LEU A 61 2.57 -2.92 14.03
C LEU A 61 1.53 -2.74 15.12
N GLN A 62 1.62 -1.63 15.86
CA GLN A 62 0.65 -1.39 16.93
C GLN A 62 -0.76 -1.18 16.38
N GLU A 63 -0.87 -0.61 15.18
CA GLU A 63 -2.20 -0.40 14.60
C GLU A 63 -2.79 -1.71 14.10
N LYS A 64 -2.01 -2.49 13.34
CA LYS A 64 -2.47 -3.80 12.89
C LYS A 64 -2.72 -4.75 14.06
N ALA A 65 -2.17 -4.45 15.23
CA ALA A 65 -2.42 -5.26 16.41
C ALA A 65 -3.70 -4.86 17.14
N SER A 66 -4.35 -3.78 16.73
CA SER A 66 -5.60 -3.35 17.34
C SER A 66 -6.81 -4.12 16.83
N ARG A 67 -6.60 -5.27 16.17
CA ARG A 67 -7.68 -6.11 15.69
C ARG A 67 -8.56 -6.60 16.84
N GLU A 79 12.41 -16.07 4.85
CA GLU A 79 11.38 -15.19 4.23
C GLU A 79 10.46 -14.71 5.34
N GLU A 80 9.56 -15.56 5.81
CA GLU A 80 8.76 -15.21 7.00
C GLU A 80 9.77 -15.19 8.13
N TYR A 81 10.66 -16.17 8.22
CA TYR A 81 11.67 -16.26 9.30
C TYR A 81 12.67 -15.11 9.22
N TYR A 82 13.47 -15.05 8.19
CA TYR A 82 14.53 -14.04 8.09
C TYR A 82 13.96 -12.63 8.28
N ALA A 83 14.74 -11.76 8.90
CA ALA A 83 14.37 -10.35 9.11
C ALA A 83 14.19 -9.64 7.78
N LYS A 84 13.36 -8.62 7.77
CA LYS A 84 13.10 -7.82 6.58
C LYS A 84 13.56 -6.39 6.85
N GLU A 85 14.27 -5.80 5.89
CA GLU A 85 14.66 -4.41 5.99
C GLU A 85 13.52 -3.51 5.54
N VAL A 86 13.31 -2.42 6.26
CA VAL A 86 12.18 -1.52 6.04
C VAL A 86 12.69 -0.19 5.50
N TYR A 87 12.07 0.27 4.42
CA TYR A 87 12.34 1.57 3.84
C TYR A 87 11.05 2.38 3.82
N LYS A 88 11.17 3.68 4.09
CA LYS A 88 10.03 4.59 4.11
C LYS A 88 10.12 5.55 2.94
N ILE A 89 9.03 5.70 2.20
CA ILE A 89 8.97 6.58 1.03
C ILE A 89 7.82 7.54 1.23
N ASP A 90 8.14 8.80 1.50
CA ASP A 90 7.14 9.82 1.74
C ASP A 90 6.51 10.28 0.44
N MET A 91 5.30 10.82 0.54
CA MET A 91 4.72 11.56 -0.57
C MET A 91 5.68 12.67 -0.98
N PRO A 92 6.02 12.78 -2.26
CA PRO A 92 7.03 13.76 -2.68
C PRO A 92 6.56 15.17 -2.38
N PRO A 93 7.48 16.05 -1.96
CA PRO A 93 7.12 17.46 -1.82
C PRO A 93 7.01 18.12 -3.18
N PHE A 94 6.09 19.05 -3.30
CA PHE A 94 5.84 19.76 -4.54
C PHE A 94 6.42 21.17 -4.47
N PHE A 95 7.24 21.53 -5.44
CA PHE A 95 7.79 22.88 -5.55
C PHE A 95 7.19 23.55 -6.78
N PRO A 96 6.39 24.60 -6.61
CA PRO A 96 5.73 25.22 -7.77
C PRO A 96 6.69 25.82 -8.78
N SER A 97 7.90 26.18 -8.37
CA SER A 97 8.90 26.67 -9.32
C SER A 97 9.54 25.55 -10.12
N GLU A 98 9.56 24.33 -9.59
CA GLU A 98 10.11 23.20 -10.32
C GLU A 98 9.09 22.68 -11.33
N ASN A 99 9.57 21.88 -12.27
CA ASN A 99 8.75 21.33 -13.34
C ASN A 99 8.11 20.00 -12.97
N ALA A 100 8.03 19.70 -11.68
CA ALA A 100 7.44 18.44 -11.25
C ALA A 100 5.92 18.50 -11.38
N ILE A 101 5.33 17.36 -11.70
CA ILE A 101 3.88 17.19 -11.69
C ILE A 101 3.47 17.01 -10.24
N PRO A 102 2.39 17.65 -9.77
CA PRO A 102 2.02 17.51 -8.37
C PRO A 102 1.72 16.07 -8.02
N PRO A 103 1.98 15.66 -6.78
CA PRO A 103 1.71 14.27 -6.38
C PRO A 103 0.24 13.98 -6.11
N THR A 104 -0.64 14.99 -6.07
CA THR A 104 -2.05 14.78 -5.78
C THR A 104 -2.92 15.46 -6.84
N PHE A 105 -4.08 14.85 -7.09
CA PHE A 105 -5.12 15.43 -7.92
C PHE A 105 -6.47 15.13 -7.27
N TYR A 106 -7.45 15.98 -7.57
CA TYR A 106 -8.68 16.02 -6.77
C TYR A 106 -9.92 16.02 -7.65
N ARG A 107 -10.88 15.20 -7.27
CA ARG A 107 -12.27 15.22 -7.71
C ARG A 107 -13.13 15.07 -6.46
N PRO A 108 -14.40 15.46 -6.52
CA PRO A 108 -15.26 15.32 -5.34
C PRO A 108 -15.42 13.88 -4.89
N TYR A 109 -15.30 12.92 -5.80
CA TYR A 109 -15.52 11.51 -5.48
C TYR A 109 -14.25 10.75 -5.17
N PHE A 110 -13.07 11.29 -5.47
CA PHE A 110 -11.85 10.52 -5.25
C PHE A 110 -10.65 11.44 -5.15
N ARG A 111 -9.53 10.84 -4.74
CA ARG A 111 -8.24 11.50 -4.67
C ARG A 111 -7.20 10.65 -5.39
N ILE A 112 -6.24 11.31 -6.03
CA ILE A 112 -5.13 10.66 -6.70
C ILE A 112 -3.85 11.03 -5.95
N VAL A 113 -3.05 10.02 -5.60
CA VAL A 113 -1.79 10.25 -4.91
C VAL A 113 -0.73 9.36 -5.55
N ARG A 114 0.40 9.95 -5.94
CA ARG A 114 1.48 9.23 -6.60
C ARG A 114 2.76 9.36 -5.79
N PHE A 115 3.41 8.22 -5.58
CA PHE A 115 4.71 8.19 -4.92
C PHE A 115 5.80 8.01 -5.97
N ASP A 116 6.95 8.63 -5.72
CA ASP A 116 8.14 8.40 -6.51
C ASP A 116 8.96 7.30 -5.82
N VAL A 117 8.98 6.11 -6.42
CA VAL A 117 9.69 4.98 -5.86
C VAL A 117 10.88 4.60 -6.73
N SER A 118 11.40 5.54 -7.52
CA SER A 118 12.44 5.23 -8.49
C SER A 118 13.73 4.79 -7.80
N ALA A 119 14.04 5.36 -6.63
CA ALA A 119 15.24 4.98 -5.90
C ALA A 119 15.23 3.53 -5.44
N MET A 120 14.09 2.85 -5.54
CA MET A 120 13.96 1.47 -5.10
C MET A 120 14.00 0.47 -6.25
N GLU A 121 14.09 0.94 -7.49
CA GLU A 121 13.99 0.05 -8.64
C GLU A 121 15.10 -0.99 -8.64
N LYS A 122 16.29 -0.62 -8.19
CA LYS A 122 17.40 -1.57 -8.11
C LYS A 122 17.16 -2.67 -7.09
N ARG A 123 16.15 -2.54 -6.23
CA ARG A 123 15.84 -3.52 -5.21
C ARG A 123 14.53 -4.26 -5.47
N ALA A 124 14.04 -4.22 -6.71
CA ALA A 124 12.71 -4.75 -7.00
C ALA A 124 12.61 -6.23 -6.67
N SER A 125 13.67 -7.00 -6.94
CA SER A 125 13.62 -8.44 -6.71
C SER A 125 13.61 -8.80 -5.24
N ASN A 126 13.95 -7.86 -4.36
CA ASN A 126 14.01 -8.12 -2.93
C ASN A 126 12.74 -7.74 -2.19
N LEU A 127 11.73 -7.21 -2.89
CA LEU A 127 10.51 -6.75 -2.22
C LEU A 127 9.69 -7.93 -1.73
N VAL A 128 9.25 -7.86 -0.48
CA VAL A 128 8.41 -8.89 0.12
C VAL A 128 7.00 -8.37 0.41
N LYS A 129 6.89 -7.12 0.86
CA LYS A 129 5.61 -6.54 1.23
C LYS A 129 5.72 -5.02 1.18
N ALA A 130 4.61 -4.37 0.83
CA ALA A 130 4.55 -2.92 0.81
C ALA A 130 3.22 -2.47 1.40
N GLU A 131 3.27 -1.50 2.31
CA GLU A 131 2.09 -0.95 2.97
C GLU A 131 1.91 0.51 2.58
N PHE A 132 0.68 0.89 2.26
CA PHE A 132 0.33 2.28 2.03
C PHE A 132 -0.34 2.82 3.29
N ARG A 133 0.31 3.78 3.94
CA ARG A 133 -0.14 4.31 5.23
C ARG A 133 -0.54 5.77 5.06
N VAL A 134 -1.80 6.07 5.36
CA VAL A 134 -2.35 7.41 5.23
C VAL A 134 -3.20 7.71 6.45
N PHE A 135 -3.10 8.94 6.96
CA PHE A 135 -3.82 9.34 8.16
C PHE A 135 -5.17 9.96 7.76
N ARG A 136 -6.26 9.33 8.19
CA ARG A 136 -7.59 9.87 7.95
C ARG A 136 -7.88 10.92 9.02
N LEU A 137 -8.12 12.16 8.58
CA LEU A 137 -8.42 13.24 9.49
C LEU A 137 -9.90 13.23 9.88
N GLN A 138 -10.17 13.71 11.09
CA GLN A 138 -11.55 13.90 11.53
C GLN A 138 -12.19 15.03 10.74
N ASN A 139 -13.36 14.75 10.16
CA ASN A 139 -14.15 15.75 9.42
C ASN A 139 -15.46 15.93 10.18
N PRO A 140 -15.50 16.83 11.17
CA PRO A 140 -16.74 17.01 11.93
C PRO A 140 -17.90 17.55 11.11
N LYS A 141 -17.64 18.15 9.96
CA LYS A 141 -18.69 18.64 9.08
C LYS A 141 -19.16 17.60 8.08
N ALA A 142 -18.71 16.36 8.20
CA ALA A 142 -19.11 15.31 7.27
C ALA A 142 -20.62 15.09 7.32
N ARG A 143 -21.23 15.02 6.13
CA ARG A 143 -22.68 14.86 6.07
C ARG A 143 -23.09 13.45 6.47
N VAL A 144 -22.54 12.44 5.80
CA VAL A 144 -22.80 11.05 6.14
C VAL A 144 -21.72 10.59 7.12
N PRO A 145 -22.06 9.80 8.14
CA PRO A 145 -21.09 9.46 9.19
C PRO A 145 -20.23 8.25 8.89
N GLU A 146 -20.65 7.43 7.93
CA GLU A 146 -19.87 6.28 7.51
C GLU A 146 -19.77 6.23 6.00
N GLN A 147 -18.57 5.94 5.49
CA GLN A 147 -18.34 5.78 4.07
C GLN A 147 -17.41 4.60 3.83
N ARG A 148 -17.68 3.86 2.76
CA ARG A 148 -16.78 2.85 2.29
C ARG A 148 -15.87 3.47 1.24
N ILE A 149 -14.55 3.37 1.46
CA ILE A 149 -13.58 3.93 0.54
C ILE A 149 -12.79 2.79 -0.09
N GLU A 150 -12.41 2.97 -1.35
CA GLU A 150 -11.72 1.95 -2.11
C GLU A 150 -10.37 2.47 -2.58
N LEU A 151 -9.37 1.58 -2.56
CA LEU A 151 -8.05 1.87 -3.08
C LEU A 151 -7.90 1.17 -4.42
N TYR A 152 -7.47 1.92 -5.44
CA TYR A 152 -7.22 1.39 -6.77
C TYR A 152 -5.80 1.68 -7.20
N GLN A 153 -5.25 0.79 -8.00
CA GLN A 153 -4.02 1.05 -8.73
C GLN A 153 -4.39 1.51 -10.13
N ILE A 154 -3.95 2.71 -10.50
CA ILE A 154 -4.26 3.24 -11.83
C ILE A 154 -3.40 2.53 -12.87
N LEU A 155 -4.04 2.15 -13.98
CA LEU A 155 -3.38 1.43 -15.06
C LEU A 155 -3.26 2.32 -16.31
N LYS A 156 -2.34 1.93 -17.19
CA LYS A 156 -2.18 2.60 -18.46
C LYS A 156 -3.22 2.09 -19.46
N SER A 157 -3.67 2.99 -20.34
CA SER A 157 -4.70 2.67 -21.31
C SER A 157 -4.15 2.60 -22.73
N THR A 161 -7.23 0.78 -26.09
CA THR A 161 -7.62 1.10 -24.72
C THR A 161 -7.93 -0.16 -23.93
N SER A 162 -8.02 -0.02 -22.61
CA SER A 162 -8.13 -1.15 -21.69
C SER A 162 -8.75 -0.68 -20.38
N PRO A 163 -8.92 -1.55 -19.38
CA PRO A 163 -9.29 -1.06 -18.04
C PRO A 163 -8.27 -0.06 -17.52
N THR A 164 -8.78 0.95 -16.81
CA THR A 164 -7.98 2.08 -16.37
C THR A 164 -7.60 2.03 -14.90
N GLN A 165 -8.02 1.00 -14.18
CA GLN A 165 -7.69 0.89 -12.76
C GLN A 165 -7.90 -0.53 -12.29
N ARG A 166 -7.18 -0.90 -11.23
CA ARG A 166 -7.22 -2.24 -10.65
C ARG A 166 -7.54 -2.12 -9.17
N TYR A 167 -8.61 -2.79 -8.75
CA TYR A 167 -9.03 -2.76 -7.35
C TYR A 167 -7.98 -3.40 -6.46
N ILE A 168 -7.71 -2.76 -5.32
CA ILE A 168 -6.76 -3.27 -4.33
C ILE A 168 -7.47 -3.70 -3.06
N ASP A 169 -8.18 -2.78 -2.41
CA ASP A 169 -8.83 -3.05 -1.13
C ASP A 169 -9.86 -1.96 -0.87
N SER A 170 -10.69 -2.20 0.15
CA SER A 170 -11.68 -1.22 0.58
C SER A 170 -11.79 -1.26 2.10
N LYS A 171 -12.30 -0.17 2.66
CA LYS A 171 -12.51 -0.06 4.10
C LYS A 171 -13.72 0.83 4.36
N VAL A 172 -14.47 0.51 5.42
CA VAL A 172 -15.49 1.40 5.95
C VAL A 172 -14.84 2.31 6.97
N VAL A 173 -15.08 3.61 6.86
CA VAL A 173 -14.49 4.59 7.76
C VAL A 173 -15.60 5.42 8.38
N LYS A 174 -15.37 5.84 9.63
CA LYS A 174 -16.22 6.81 10.29
C LYS A 174 -15.66 8.20 10.00
N THR A 175 -16.37 8.97 9.18
CA THR A 175 -15.82 10.22 8.68
C THR A 175 -15.64 11.25 9.79
N ARG A 176 -16.56 11.28 10.75
CA ARG A 176 -16.50 12.26 11.83
C ARG A 176 -15.72 11.80 13.04
N ALA A 177 -15.29 10.54 13.09
CA ALA A 177 -14.58 10.03 14.25
C ALA A 177 -13.19 10.65 14.35
N GLU A 178 -12.58 10.48 15.52
CA GLU A 178 -11.25 11.02 15.77
C GLU A 178 -10.24 10.41 14.80
N GLY A 179 -9.26 11.24 14.41
CA GLY A 179 -8.24 10.85 13.45
C GLY A 179 -7.56 9.53 13.73
N GLU A 180 -7.24 8.80 12.66
CA GLU A 180 -6.70 7.45 12.76
C GLU A 180 -5.83 7.17 11.55
N TRP A 181 -4.82 6.32 11.75
CA TRP A 181 -4.02 5.82 10.65
C TRP A 181 -4.73 4.65 9.97
N LEU A 182 -4.74 4.66 8.64
CA LEU A 182 -5.19 3.53 7.85
C LEU A 182 -3.99 2.95 7.09
N SER A 183 -4.05 1.65 6.81
CA SER A 183 -2.98 0.99 6.08
C SER A 183 -3.57 -0.01 5.09
N PHE A 184 -2.96 -0.11 3.92
CA PHE A 184 -3.36 -1.04 2.88
C PHE A 184 -2.16 -1.83 2.41
N ASP A 185 -2.38 -3.12 2.12
CA ASP A 185 -1.36 -3.94 1.48
C ASP A 185 -1.36 -3.60 -0.01
N VAL A 186 -0.28 -3.01 -0.50
CA VAL A 186 -0.18 -2.60 -1.89
C VAL A 186 1.04 -3.26 -2.53
N THR A 187 1.37 -4.46 -2.06
CA THR A 187 2.57 -5.14 -2.52
C THR A 187 2.56 -5.34 -4.02
N ASP A 188 1.42 -5.78 -4.57
CA ASP A 188 1.35 -6.07 -6.00
C ASP A 188 1.56 -4.80 -6.82
N ALA A 189 0.96 -3.68 -6.40
CA ALA A 189 1.10 -2.45 -7.16
C ALA A 189 2.53 -1.92 -7.12
N VAL A 190 3.15 -1.93 -5.94
CA VAL A 190 4.52 -1.42 -5.82
C VAL A 190 5.49 -2.36 -6.55
N HIS A 191 5.26 -3.68 -6.43
CA HIS A 191 6.07 -4.63 -7.19
C HIS A 191 6.07 -4.29 -8.67
N GLU A 192 4.92 -3.90 -9.21
CA GLU A 192 4.83 -3.55 -10.62
C GLU A 192 5.53 -2.21 -10.88
N TRP A 193 5.35 -1.25 -9.98
CA TRP A 193 5.96 0.07 -10.17
C TRP A 193 7.47 0.01 -10.18
N LEU A 194 8.06 -0.90 -9.40
CA LEU A 194 9.51 -1.00 -9.33
C LEU A 194 10.10 -1.63 -10.58
N HIS A 195 9.38 -2.56 -11.21
CA HIS A 195 9.85 -3.18 -12.44
C HIS A 195 9.54 -2.35 -13.67
N HIS A 196 8.47 -1.54 -13.63
CA HIS A 196 8.03 -0.74 -14.78
C HIS A 196 7.71 0.67 -14.27
N LYS A 197 8.70 1.56 -14.33
CA LYS A 197 8.48 2.95 -13.95
C LYS A 197 7.35 3.59 -14.73
N ASP A 198 7.20 3.19 -16.00
CA ASP A 198 6.14 3.74 -16.85
C ASP A 198 4.74 3.37 -16.37
N ARG A 199 4.61 2.41 -15.46
CA ARG A 199 3.31 2.00 -14.94
C ARG A 199 2.99 2.62 -13.60
N ASN A 200 3.84 3.51 -13.09
CA ASN A 200 3.55 4.19 -11.82
C ASN A 200 2.68 5.40 -12.11
N LEU A 201 1.37 5.18 -12.13
CA LEU A 201 0.40 6.26 -12.23
C LEU A 201 -0.26 6.56 -10.89
N GLY A 202 0.27 6.01 -9.80
CA GLY A 202 -0.22 6.33 -8.47
C GLY A 202 -1.44 5.54 -8.06
N PHE A 203 -1.93 5.87 -6.87
CA PHE A 203 -3.15 5.30 -6.31
C PHE A 203 -4.34 6.22 -6.57
N LYS A 204 -5.52 5.63 -6.55
CA LYS A 204 -6.77 6.37 -6.46
C LYS A 204 -7.48 5.96 -5.18
N ILE A 205 -7.75 6.92 -4.32
CA ILE A 205 -8.58 6.72 -3.13
C ILE A 205 -9.98 7.22 -3.49
N SER A 206 -10.92 6.30 -3.63
CA SER A 206 -12.22 6.62 -4.21
C SER A 206 -13.35 6.22 -3.27
N LEU A 207 -14.43 6.99 -3.33
CA LEU A 207 -15.66 6.62 -2.63
C LEU A 207 -16.29 5.42 -3.32
N HIS A 208 -16.79 4.49 -2.52
CA HIS A 208 -17.44 3.30 -3.06
C HIS A 208 -18.86 3.66 -3.49
N CYS A 209 -19.14 3.52 -4.78
CA CYS A 209 -20.44 3.86 -5.34
C CYS A 209 -21.00 2.64 -6.07
N PRO A 210 -22.11 2.06 -5.62
CA PRO A 210 -22.72 0.90 -6.28
C PRO A 210 -23.66 1.28 -7.43
N GLU A 227 -23.50 12.47 -3.57
CA GLU A 227 -22.72 12.16 -2.37
C GLU A 227 -21.21 12.16 -2.66
N GLU A 228 -20.51 13.12 -2.07
CA GLU A 228 -19.08 13.29 -2.31
C GLU A 228 -18.28 12.44 -1.32
N LEU A 229 -16.97 12.37 -1.57
CA LEU A 229 -16.05 11.78 -0.60
C LEU A 229 -15.98 12.69 0.62
N GLU A 230 -16.37 12.17 1.78
CA GLU A 230 -16.40 12.97 3.00
C GLU A 230 -15.28 12.62 3.96
N ALA A 231 -14.55 11.53 3.73
CA ALA A 231 -13.34 11.28 4.49
C ALA A 231 -12.24 12.22 4.04
N ARG A 232 -11.46 12.72 4.98
CA ARG A 232 -10.36 13.63 4.69
C ARG A 232 -9.05 12.98 5.12
N PHE A 233 -7.96 13.34 4.42
CA PHE A 233 -6.68 12.67 4.60
C PHE A 233 -5.57 13.70 4.73
N ALA A 234 -4.74 13.53 5.75
CA ALA A 234 -3.62 14.44 5.98
C ALA A 234 -2.63 14.37 4.83
N GLY A 235 -2.11 15.53 4.43
CA GLY A 235 -1.20 15.62 3.32
C GLY A 235 -1.86 15.63 1.96
N ILE A 236 -3.09 15.13 1.86
CA ILE A 236 -3.86 15.21 0.62
C ILE A 236 -4.84 16.38 0.66
N ASP A 237 -5.65 16.46 1.72
CA ASP A 237 -6.63 17.52 1.88
C ASP A 237 -6.11 18.56 2.87
N GLY A 238 -6.30 19.83 2.52
CA GLY A 238 -5.77 20.92 3.32
C GLY A 238 -4.30 21.20 3.11
N THR A 239 -3.61 20.39 2.30
CA THR A 239 -2.20 20.60 2.01
C THR A 239 -1.94 20.49 0.51
N GLY A 259 4.53 15.19 9.81
CA GLY A 259 4.16 14.25 10.86
C GLY A 259 3.20 13.18 10.41
N LYS A 260 2.09 13.60 9.79
CA LYS A 260 1.08 12.69 9.28
C LYS A 260 1.12 12.59 7.76
N THR A 261 2.30 12.78 7.17
CA THR A 261 2.45 12.67 5.73
C THR A 261 2.11 11.25 5.28
N PRO A 262 1.36 11.09 4.19
CA PRO A 262 1.17 9.74 3.62
C PRO A 262 2.51 9.18 3.17
N HIS A 263 2.67 7.87 3.32
CA HIS A 263 3.95 7.27 2.97
C HIS A 263 3.76 5.79 2.69
N LEU A 264 4.76 5.20 2.05
CA LEU A 264 4.84 3.77 1.80
C LEU A 264 5.89 3.16 2.72
N LEU A 265 5.61 1.95 3.21
CA LEU A 265 6.57 1.17 3.97
C LEU A 265 6.89 -0.08 3.17
N LEU A 266 8.12 -0.17 2.70
CA LEU A 266 8.56 -1.28 1.84
C LEU A 266 9.44 -2.20 2.66
N MET A 267 9.07 -3.48 2.69
CA MET A 267 9.82 -4.49 3.44
C MET A 267 10.56 -5.38 2.45
N LEU A 268 11.88 -5.46 2.63
CA LEU A 268 12.77 -6.07 1.66
C LEU A 268 13.57 -7.19 2.32
N LEU A 269 13.82 -8.25 1.57
CA LEU A 269 14.72 -9.33 2.07
C LEU A 269 16.05 -9.16 1.34
N PRO A 270 17.13 -8.72 2.02
CA PRO A 270 18.42 -8.51 1.36
C PRO A 270 18.92 -9.73 0.57
N SER A 271 19.66 -9.51 -0.51
CA SER A 271 20.12 -10.62 -1.33
C SER A 271 20.93 -11.61 -0.51
N TYR A 272 21.79 -11.12 0.39
CA TYR A 272 22.63 -12.01 1.18
C TYR A 272 21.82 -12.90 2.10
N ARG A 273 20.59 -12.49 2.42
CA ARG A 273 19.69 -13.34 3.25
C ARG A 273 18.89 -14.24 2.30
N LEU A 274 18.62 -13.77 1.08
CA LEU A 274 17.90 -14.60 0.08
C LEU A 274 18.70 -15.89 -0.14
N GLU A 275 20.01 -15.83 -0.27
CA GLU A 275 20.78 -17.10 -0.37
C GLU A 275 20.45 -17.93 0.89
N GLY A 281 9.41 -24.90 3.79
CA GLY A 281 8.53 -26.07 3.87
C GLY A 281 7.82 -26.20 5.20
N ALA A 282 6.51 -25.92 5.19
CA ALA A 282 5.71 -26.07 6.39
C ALA A 282 5.63 -27.53 6.80
N LEU A 283 5.29 -27.76 8.08
CA LEU A 283 5.22 -29.11 8.63
C LEU A 283 3.81 -29.70 8.45
N ASP A 284 3.42 -29.86 7.19
CA ASP A 284 2.11 -30.35 6.81
C ASP A 284 2.23 -31.75 6.19
N ALA A 285 1.11 -32.24 5.65
CA ALA A 285 1.11 -33.59 5.07
C ALA A 285 2.03 -33.67 3.85
N ALA A 286 2.03 -32.62 3.01
CA ALA A 286 2.83 -32.67 1.79
C ALA A 286 4.32 -32.84 2.09
N TYR A 287 4.82 -32.11 3.10
CA TYR A 287 6.24 -32.22 3.43
C TYR A 287 6.50 -33.43 4.32
N CYS A 288 5.71 -33.61 5.39
CA CYS A 288 6.03 -34.62 6.39
C CYS A 288 5.83 -36.03 5.86
N PHE A 289 4.76 -36.26 5.10
CA PHE A 289 4.46 -37.61 4.65
C PHE A 289 5.38 -38.07 3.53
N ARG A 290 6.02 -37.15 2.83
CA ARG A 290 6.98 -37.48 1.79
C ARG A 290 8.42 -37.41 2.26
N ASN A 291 8.66 -36.87 3.46
CA ASN A 291 10.00 -36.76 4.04
C ASN A 291 9.94 -37.28 5.48
N VAL A 292 9.86 -38.60 5.63
CA VAL A 292 9.78 -39.19 6.97
C VAL A 292 11.03 -38.87 7.76
N GLN A 293 10.84 -38.36 8.97
CA GLN A 293 11.96 -37.94 9.80
C GLN A 293 11.55 -38.04 11.26
N ASP A 294 12.57 -38.08 12.13
CA ASP A 294 12.35 -38.17 13.56
C ASP A 294 12.02 -36.83 14.19
N ASN A 295 12.36 -35.73 13.53
CA ASN A 295 12.06 -34.41 14.06
C ASN A 295 10.56 -34.14 13.97
N CYS A 296 10.11 -33.16 14.75
CA CYS A 296 8.71 -32.76 14.82
C CYS A 296 8.05 -32.67 13.45
N CYS A 297 7.00 -33.45 13.25
CA CYS A 297 6.38 -33.51 11.94
C CYS A 297 4.99 -34.09 12.11
N LEU A 298 4.15 -33.87 11.09
CA LEU A 298 2.80 -34.43 11.08
C LEU A 298 2.86 -35.95 10.97
N ARG A 299 1.99 -36.64 11.72
CA ARG A 299 1.91 -38.08 11.69
C ARG A 299 0.49 -38.52 11.38
N PRO A 300 0.32 -39.54 10.55
CA PRO A 300 -1.03 -39.97 10.17
C PRO A 300 -1.68 -40.81 11.25
N LEU A 301 -2.98 -40.54 11.48
CA LEU A 301 -3.78 -41.33 12.40
C LEU A 301 -5.22 -41.27 11.95
N TYR A 302 -5.79 -42.43 11.63
CA TYR A 302 -7.19 -42.54 11.21
C TYR A 302 -8.00 -43.12 12.36
N ILE A 303 -9.09 -42.44 12.71
CA ILE A 303 -10.00 -42.89 13.76
C ILE A 303 -11.21 -43.53 13.09
N ASP A 304 -11.41 -44.83 13.33
CA ASP A 304 -12.61 -45.53 12.91
C ASP A 304 -13.56 -45.55 14.09
N PHE A 305 -14.70 -44.86 13.96
CA PHE A 305 -15.60 -44.68 15.10
C PHE A 305 -16.07 -46.02 15.64
N LYS A 306 -16.45 -46.95 14.77
CA LYS A 306 -16.95 -48.24 15.23
C LYS A 306 -15.81 -49.10 15.77
N ARG A 307 -14.73 -49.24 15.00
CA ARG A 307 -13.68 -50.18 15.37
C ARG A 307 -12.88 -49.67 16.58
N ASP A 308 -12.48 -48.40 16.56
CA ASP A 308 -11.58 -47.89 17.58
C ASP A 308 -12.28 -47.37 18.82
N LEU A 309 -13.51 -46.89 18.69
CA LEU A 309 -14.26 -46.35 19.82
C LEU A 309 -15.45 -47.19 20.22
N GLY A 310 -15.81 -48.20 19.44
CA GLY A 310 -17.02 -48.94 19.71
C GLY A 310 -18.29 -48.14 19.51
N TRP A 311 -18.22 -47.05 18.74
CA TRP A 311 -19.35 -46.16 18.54
C TRP A 311 -20.10 -46.54 17.28
N LYS A 312 -21.42 -46.64 17.37
CA LYS A 312 -22.27 -46.89 16.22
C LYS A 312 -23.34 -45.83 16.03
N TRP A 313 -23.31 -44.76 16.83
CA TRP A 313 -24.33 -43.73 16.77
C TRP A 313 -24.02 -42.63 15.75
N ILE A 314 -22.78 -42.53 15.28
CA ILE A 314 -22.42 -41.59 14.22
C ILE A 314 -22.65 -42.29 12.89
N HIS A 315 -23.47 -41.68 12.03
CA HIS A 315 -23.74 -42.28 10.73
C HIS A 315 -22.73 -41.85 9.67
N GLU A 316 -22.35 -40.58 9.65
CA GLU A 316 -21.35 -40.08 8.72
C GLU A 316 -20.46 -39.08 9.44
N PRO A 317 -19.14 -39.13 9.20
CA PRO A 317 -18.43 -40.12 8.40
C PRO A 317 -18.18 -41.39 9.20
N LYS A 318 -17.79 -42.49 8.56
CA LYS A 318 -17.42 -43.68 9.32
C LYS A 318 -16.12 -43.47 10.09
N GLY A 319 -15.30 -42.51 9.66
CA GLY A 319 -14.10 -42.14 10.36
C GLY A 319 -13.45 -40.97 9.67
N TYR A 320 -12.32 -40.52 10.24
CA TYR A 320 -11.60 -39.35 9.66
C TYR A 320 -10.12 -39.41 10.07
N ASN A 321 -9.26 -38.71 9.34
CA ASN A 321 -7.81 -38.69 9.66
C ASN A 321 -7.53 -37.54 10.63
N ALA A 322 -7.79 -37.74 11.93
CA ALA A 322 -7.50 -36.71 12.94
C ALA A 322 -6.00 -36.39 12.91
N ASN A 323 -5.16 -37.43 12.83
CA ASN A 323 -3.68 -37.24 12.76
C ASN A 323 -3.15 -36.69 14.08
N PHE A 324 -1.86 -36.34 14.13
CA PHE A 324 -1.24 -35.80 15.37
C PHE A 324 0.17 -35.28 15.05
N CYS A 325 0.78 -34.57 16.00
CA CYS A 325 2.14 -34.03 15.80
C CYS A 325 3.12 -34.73 16.75
N ALA A 326 4.25 -35.21 16.23
CA ALA A 326 5.22 -35.94 17.07
C ALA A 326 6.64 -35.78 16.52
N GLY A 327 7.63 -35.72 17.41
CA GLY A 327 9.01 -35.64 16.99
C GLY A 327 9.82 -34.68 17.86
N ALA A 328 11.13 -34.66 17.57
CA ALA A 328 12.05 -33.86 18.34
C ALA A 328 12.01 -32.40 17.92
N CYS A 329 12.12 -31.51 18.91
CA CYS A 329 12.21 -30.07 18.67
C CYS A 329 13.54 -29.58 19.23
N PRO A 330 14.56 -29.34 18.37
CA PRO A 330 15.85 -28.86 18.84
C PRO A 330 15.82 -27.48 19.51
N TYR A 331 16.44 -27.31 20.67
CA TYR A 331 16.49 -26.02 21.42
C TYR A 331 17.48 -25.07 20.75
N LEU A 332 18.45 -25.59 20.00
CA LEU A 332 19.41 -24.77 19.23
C LEU A 332 19.59 -25.41 17.86
N VAL A 342 16.39 -32.91 2.47
CA VAL A 342 15.18 -32.11 2.37
C VAL A 342 14.77 -31.64 3.76
N LEU A 343 15.44 -30.60 4.26
CA LEU A 343 15.25 -30.12 5.61
C LEU A 343 14.42 -28.86 5.65
N SER A 344 13.64 -28.71 6.72
CA SER A 344 12.87 -27.51 7.00
C SER A 344 13.44 -26.84 8.26
N LEU A 345 13.51 -25.51 8.24
CA LEU A 345 14.04 -24.81 9.40
C LEU A 345 13.05 -24.82 10.56
N TYR A 346 11.74 -24.82 10.26
CA TYR A 346 10.73 -24.92 11.31
C TYR A 346 10.84 -26.22 12.10
N ASN A 347 11.61 -27.18 11.60
CA ASN A 347 11.85 -28.45 12.26
C ASN A 347 13.22 -28.54 12.91
N THR A 348 14.21 -27.83 12.37
CA THR A 348 15.61 -28.02 12.74
C THR A 348 16.18 -26.91 13.61
N ILE A 349 15.54 -25.74 13.66
CA ILE A 349 15.95 -24.69 14.58
C ILE A 349 14.82 -24.46 15.57
N ASN A 350 15.00 -23.48 16.45
CA ASN A 350 13.96 -23.09 17.40
C ASN A 350 13.37 -21.76 16.93
N PRO A 351 12.49 -21.77 15.92
CA PRO A 351 12.14 -20.50 15.25
C PRO A 351 11.44 -19.50 16.16
N GLU A 352 10.62 -19.97 17.10
CA GLU A 352 9.92 -19.09 18.02
C GLU A 352 10.70 -18.82 19.30
N ALA A 353 11.92 -19.36 19.41
CA ALA A 353 12.79 -19.15 20.56
C ALA A 353 12.10 -19.57 21.87
N SER A 354 11.65 -20.82 21.88
CA SER A 354 11.03 -21.37 23.07
C SER A 354 12.07 -21.77 24.11
N ALA A 355 11.71 -21.63 25.38
CA ALA A 355 12.59 -22.09 26.45
C ALA A 355 12.67 -23.62 26.48
N SER A 356 11.59 -24.31 26.12
CA SER A 356 11.57 -25.76 26.01
C SER A 356 10.66 -26.14 24.86
N PRO A 357 11.22 -26.31 23.67
CA PRO A 357 10.37 -26.50 22.48
C PRO A 357 9.64 -27.83 22.53
N CYS A 358 8.37 -27.79 22.13
CA CYS A 358 7.54 -28.99 22.08
C CYS A 358 6.82 -29.05 20.75
N CYS A 359 6.65 -30.28 20.24
CA CYS A 359 6.02 -30.48 18.94
C CYS A 359 4.51 -30.49 19.13
N VAL A 360 3.84 -29.47 18.59
CA VAL A 360 2.41 -29.28 18.78
C VAL A 360 1.76 -28.95 17.44
N SER A 361 0.43 -28.97 17.44
CA SER A 361 -0.32 -28.63 16.23
C SER A 361 -0.26 -27.13 15.97
N GLN A 362 -0.19 -26.76 14.70
CA GLN A 362 -0.23 -25.37 14.29
C GLN A 362 -1.59 -25.01 13.69
N ASP A 363 -1.99 -25.69 12.63
CA ASP A 363 -3.26 -25.44 11.97
C ASP A 363 -4.18 -26.63 12.18
N LEU A 364 -5.40 -26.36 12.64
CA LEU A 364 -6.43 -27.35 12.86
C LEU A 364 -7.65 -27.04 11.99
N GLU A 365 -8.45 -28.05 11.72
CA GLU A 365 -9.62 -27.93 10.87
C GLU A 365 -10.83 -28.56 11.55
N PRO A 366 -12.03 -28.11 11.22
CA PRO A 366 -13.23 -28.67 11.82
C PRO A 366 -13.62 -29.99 11.16
N LEU A 367 -14.60 -30.64 11.77
CA LEU A 367 -15.15 -31.89 11.26
C LEU A 367 -16.66 -31.85 11.35
N THR A 368 -17.33 -32.28 10.28
CA THR A 368 -18.77 -32.41 10.27
C THR A 368 -19.15 -33.84 10.61
N ILE A 369 -20.22 -34.01 11.38
CA ILE A 369 -20.73 -35.33 11.69
C ILE A 369 -22.25 -35.34 11.53
N LEU A 370 -22.77 -36.51 11.19
CA LEU A 370 -24.21 -36.76 11.14
C LEU A 370 -24.51 -37.91 12.09
N TYR A 371 -25.34 -37.65 13.10
CA TYR A 371 -25.71 -38.66 14.07
C TYR A 371 -27.20 -38.54 14.37
N TYR A 372 -27.74 -39.55 15.05
CA TYR A 372 -29.17 -39.52 15.46
C TYR A 372 -29.29 -39.68 16.98
N ILE A 373 -30.34 -39.10 17.57
CA ILE A 373 -30.68 -39.30 19.00
C ILE A 373 -32.08 -39.94 19.09
N GLY A 374 -32.34 -40.92 18.23
CA GLY A 374 -33.69 -41.44 17.98
C GLY A 374 -34.09 -41.27 16.53
N LYS A 375 -35.17 -40.56 16.29
CA LYS A 375 -35.71 -40.33 14.93
C LYS A 375 -35.04 -39.10 14.31
N THR A 376 -34.59 -38.18 15.16
CA THR A 376 -34.22 -36.82 14.68
C THR A 376 -32.77 -36.86 14.23
N PRO A 377 -32.49 -36.42 12.98
CA PRO A 377 -31.13 -36.27 12.52
C PRO A 377 -30.46 -35.00 13.08
N LYS A 378 -29.17 -35.11 13.38
CA LYS A 378 -28.37 -33.97 13.79
C LYS A 378 -27.13 -33.90 12.90
N ILE A 379 -26.98 -32.78 12.20
CA ILE A 379 -25.74 -32.45 11.51
C ILE A 379 -25.06 -31.36 12.33
N GLU A 380 -23.85 -31.66 12.80
CA GLU A 380 -23.13 -30.77 13.70
C GLU A 380 -21.69 -30.61 13.25
N GLN A 381 -21.15 -29.41 13.47
CA GLN A 381 -19.78 -29.08 13.12
C GLN A 381 -18.95 -28.91 14.38
N LEU A 382 -17.83 -29.59 14.46
CA LEU A 382 -16.96 -29.58 15.63
C LEU A 382 -15.62 -28.98 15.24
N SER A 383 -15.19 -27.96 15.98
CA SER A 383 -13.96 -27.24 15.67
C SER A 383 -12.74 -27.97 16.19
N ASN A 384 -11.60 -27.73 15.53
CA ASN A 384 -10.28 -28.17 15.99
C ASN A 384 -10.20 -29.70 16.13
N MET A 385 -10.69 -30.41 15.12
CA MET A 385 -10.73 -31.87 15.16
C MET A 385 -9.64 -32.53 14.35
N ILE A 386 -9.20 -31.91 13.25
CA ILE A 386 -8.22 -32.51 12.35
C ILE A 386 -6.96 -31.66 12.39
N VAL A 387 -5.81 -32.30 12.63
CA VAL A 387 -4.52 -31.62 12.63
C VAL A 387 -3.98 -31.61 11.21
N LYS A 388 -3.66 -30.41 10.71
CA LYS A 388 -3.16 -30.25 9.35
C LYS A 388 -1.70 -29.86 9.27
N SER A 389 -1.13 -29.33 10.35
CA SER A 389 0.28 -28.92 10.33
C SER A 389 0.78 -28.81 11.76
N CYS A 390 2.11 -28.79 11.89
CA CYS A 390 2.75 -28.79 13.19
C CYS A 390 3.78 -27.67 13.26
N LYS A 391 4.23 -27.38 14.48
CA LYS A 391 5.28 -26.41 14.73
C LYS A 391 6.00 -26.78 16.02
N CYS A 392 7.22 -26.26 16.16
CA CYS A 392 8.02 -26.43 17.37
C CYS A 392 7.82 -25.20 18.25
N SER A 393 7.31 -25.42 19.46
CA SER A 393 6.98 -24.32 20.35
C SER A 393 6.97 -24.76 21.81
N GLN B 1 6.18 14.52 -32.62
CA GLN B 1 5.92 13.78 -31.39
C GLN B 1 4.90 14.45 -30.49
N VAL B 2 5.28 15.60 -29.90
CA VAL B 2 4.42 16.37 -29.00
C VAL B 2 4.70 17.85 -29.22
N GLN B 3 3.67 18.62 -29.55
CA GLN B 3 3.81 20.05 -29.76
C GLN B 3 2.59 20.78 -29.23
N LEU B 4 2.83 21.93 -28.60
CA LEU B 4 1.81 22.66 -27.85
C LEU B 4 1.72 24.09 -28.37
N GLN B 5 0.50 24.55 -28.65
CA GLN B 5 0.26 25.90 -29.17
C GLN B 5 -0.79 26.58 -28.31
N GLU B 6 -0.41 27.66 -27.64
CA GLU B 6 -1.33 28.42 -26.80
C GLU B 6 -1.93 29.58 -27.56
N SER B 7 -3.08 30.04 -27.08
CA SER B 7 -3.79 31.18 -27.66
C SER B 7 -4.78 31.71 -26.64
N GLY B 8 -5.52 32.75 -27.03
CA GLY B 8 -6.53 33.32 -26.19
C GLY B 8 -6.07 34.40 -25.25
N GLY B 9 -4.77 34.69 -25.21
CA GLY B 9 -4.28 35.73 -24.33
C GLY B 9 -4.66 37.12 -24.81
N GLY B 10 -4.35 38.10 -23.96
CA GLY B 10 -4.64 39.48 -24.32
C GLY B 10 -4.59 40.38 -23.10
N LEU B 11 -4.91 41.65 -23.35
CA LEU B 11 -4.95 42.67 -22.31
C LEU B 11 -6.39 42.87 -21.87
N VAL B 12 -6.66 42.66 -20.59
CA VAL B 12 -7.99 42.80 -20.02
C VAL B 12 -7.92 43.73 -18.81
N GLN B 13 -9.08 44.19 -18.39
CA GLN B 13 -9.18 44.99 -17.17
C GLN B 13 -9.40 44.08 -15.98
N ALA B 14 -8.89 44.50 -14.82
CA ALA B 14 -9.04 43.73 -13.60
C ALA B 14 -10.51 43.43 -13.34
N GLY B 15 -10.78 42.22 -12.84
CA GLY B 15 -12.12 41.74 -12.63
C GLY B 15 -12.73 41.03 -13.83
N GLY B 16 -12.19 41.23 -15.03
CA GLY B 16 -12.73 40.61 -16.22
C GLY B 16 -12.26 39.18 -16.38
N SER B 17 -12.75 38.57 -17.45
CA SER B 17 -12.46 37.17 -17.74
C SER B 17 -11.56 37.04 -18.97
N LEU B 18 -11.04 35.83 -19.15
CA LEU B 18 -10.18 35.48 -20.27
C LEU B 18 -10.10 33.96 -20.32
N ARG B 19 -10.11 33.41 -21.54
CA ARG B 19 -10.02 31.97 -21.72
C ARG B 19 -8.77 31.66 -22.54
N LEU B 20 -7.89 30.83 -21.97
CA LEU B 20 -6.71 30.34 -22.65
C LEU B 20 -6.98 28.93 -23.16
N SER B 21 -6.35 28.58 -24.27
CA SER B 21 -6.46 27.24 -24.83
C SER B 21 -5.09 26.81 -25.33
N CYS B 22 -4.82 25.52 -25.23
CA CYS B 22 -3.54 24.93 -25.63
C CYS B 22 -3.83 23.71 -26.50
N ALA B 23 -3.54 23.82 -27.79
CA ALA B 23 -3.75 22.72 -28.73
C ALA B 23 -2.49 21.87 -28.79
N ALA B 24 -2.67 20.57 -28.60
CA ALA B 24 -1.57 19.61 -28.59
C ALA B 24 -1.45 18.98 -29.98
N SER B 25 -0.33 19.23 -30.66
CA SER B 25 -0.18 18.80 -32.04
C SER B 25 0.07 17.30 -32.12
N GLY B 26 1.11 16.81 -31.46
CA GLY B 26 1.53 15.44 -31.61
C GLY B 26 0.65 14.42 -30.90
N TYR B 27 1.25 13.32 -30.45
CA TYR B 27 0.53 12.27 -29.76
C TYR B 27 0.62 12.49 -28.26
N ILE B 28 -0.53 12.60 -27.61
CA ILE B 28 -0.57 12.71 -26.11
C ILE B 28 -1.57 11.67 -25.61
N SER B 29 -1.22 10.95 -24.55
CA SER B 29 -2.14 9.96 -23.96
C SER B 29 -3.10 10.65 -23.00
N ASN B 30 -4.32 10.17 -22.93
CA ASN B 30 -5.30 10.71 -21.96
C ASN B 30 -4.77 10.49 -20.54
N ASP B 31 -3.90 9.50 -20.32
CA ASP B 31 -3.29 9.34 -19.01
C ASP B 31 -2.28 10.43 -18.72
N ASP B 32 -1.77 11.10 -19.75
CA ASP B 32 -0.72 12.09 -19.58
C ASP B 32 -1.28 13.38 -18.98
N VAL B 33 -0.59 13.91 -17.98
CA VAL B 33 -1.02 15.14 -17.31
C VAL B 33 -0.70 16.33 -18.19
N MET B 34 -1.63 17.27 -18.27
CA MET B 34 -1.41 18.56 -18.90
C MET B 34 -1.68 19.66 -17.88
N GLY B 35 -1.11 20.83 -18.12
CA GLY B 35 -1.28 21.89 -17.16
C GLY B 35 -0.79 23.22 -17.68
N TRP B 36 -0.74 24.19 -16.78
CA TRP B 36 -0.37 25.57 -17.12
C TRP B 36 0.65 26.08 -16.10
N TYR B 37 1.70 26.68 -16.61
CA TYR B 37 2.62 27.49 -15.81
C TYR B 37 2.53 28.94 -16.28
N ARG B 38 2.93 29.86 -15.41
CA ARG B 38 2.94 31.27 -15.77
C ARG B 38 4.24 31.90 -15.27
N GLN B 39 4.81 32.78 -16.09
CA GLN B 39 6.10 33.39 -15.82
C GLN B 39 5.98 34.90 -16.00
N ALA B 40 5.97 35.63 -14.89
CA ALA B 40 6.12 37.06 -14.96
C ALA B 40 7.52 37.39 -15.48
N PRO B 41 7.67 38.49 -16.23
CA PRO B 41 8.98 38.83 -16.78
C PRO B 41 10.05 38.95 -15.71
N GLY B 42 11.17 38.27 -15.93
CA GLY B 42 12.25 38.20 -14.97
C GLY B 42 12.10 37.10 -13.95
N LYS B 43 10.89 36.91 -13.42
CA LYS B 43 10.64 35.89 -12.43
C LYS B 43 10.56 34.51 -13.10
N GLU B 44 10.52 33.47 -12.27
CA GLU B 44 10.59 32.10 -12.79
C GLU B 44 9.22 31.49 -12.95
N ARG B 45 9.20 30.33 -13.61
CA ARG B 45 7.95 29.64 -13.90
C ARG B 45 7.23 29.27 -12.61
N GLU B 46 5.91 29.39 -12.63
CA GLU B 46 5.06 29.20 -11.48
C GLU B 46 3.92 28.27 -11.86
N PHE B 47 3.73 27.20 -11.09
CA PHE B 47 2.64 26.29 -11.36
C PHE B 47 1.31 27.00 -11.16
N VAL B 48 0.37 26.73 -12.06
CA VAL B 48 -0.95 27.35 -11.98
C VAL B 48 -2.01 26.27 -11.79
N ALA B 49 -2.09 25.32 -12.73
CA ALA B 49 -3.11 24.29 -12.68
C ALA B 49 -2.69 23.14 -13.58
N ALA B 50 -3.20 21.95 -13.26
CA ALA B 50 -2.92 20.71 -14.04
C ALA B 50 -4.13 19.78 -13.97
N ILE B 51 -4.30 18.93 -14.98
CA ILE B 51 -5.45 17.97 -15.03
C ILE B 51 -4.91 16.56 -15.28
N SER B 52 -5.54 15.55 -14.66
CA SER B 52 -4.99 14.17 -14.67
C SER B 52 -6.12 13.15 -14.79
N VAL B 53 -5.89 11.92 -14.31
CA VAL B 53 -6.79 10.76 -14.55
C VAL B 53 -8.16 11.04 -13.94
N GLY B 54 -9.23 10.87 -14.72
CA GLY B 54 -10.60 11.11 -14.24
C GLY B 54 -10.87 12.60 -14.12
N ALA B 55 -10.39 13.39 -15.09
CA ALA B 55 -10.58 14.86 -15.10
C ALA B 55 -10.23 15.44 -13.72
N SER B 56 -9.38 14.74 -12.96
CA SER B 56 -8.92 15.24 -11.68
C SER B 56 -8.01 16.45 -11.89
N THR B 57 -8.01 17.36 -10.91
CA THR B 57 -7.34 18.64 -11.07
C THR B 57 -6.47 18.95 -9.87
N ASN B 58 -5.57 19.92 -10.05
CA ASN B 58 -4.75 20.47 -8.99
C ASN B 58 -4.51 21.94 -9.33
N TYR B 59 -4.78 22.82 -8.36
CA TYR B 59 -4.71 24.26 -8.58
C TYR B 59 -3.74 24.89 -7.59
N ALA B 60 -3.02 25.91 -8.06
CA ALA B 60 -2.24 26.73 -7.16
C ALA B 60 -3.16 27.54 -6.26
N ASP B 61 -2.69 27.83 -5.04
CA ASP B 61 -3.54 28.48 -4.04
C ASP B 61 -4.02 29.85 -4.50
N SER B 62 -3.25 30.52 -5.34
CA SER B 62 -3.59 31.88 -5.74
C SER B 62 -4.72 31.94 -6.76
N VAL B 63 -4.93 30.88 -7.53
CA VAL B 63 -5.98 30.87 -8.56
C VAL B 63 -7.20 30.07 -8.13
N LYS B 64 -7.24 29.58 -6.90
CA LYS B 64 -8.36 28.76 -6.47
C LYS B 64 -9.62 29.62 -6.30
N GLY B 65 -10.74 29.12 -6.82
CA GLY B 65 -11.97 29.87 -6.85
C GLY B 65 -12.12 30.79 -8.04
N ARG B 66 -11.07 30.98 -8.83
CA ARG B 66 -11.10 31.88 -9.98
C ARG B 66 -10.74 31.21 -11.29
N PHE B 67 -9.81 30.26 -11.28
CA PHE B 67 -9.38 29.58 -12.50
C PHE B 67 -10.04 28.21 -12.59
N THR B 68 -10.31 27.79 -13.82
CA THR B 68 -10.82 26.44 -14.09
C THR B 68 -10.02 25.85 -15.25
N ILE B 69 -9.40 24.71 -15.02
CA ILE B 69 -8.77 23.94 -16.09
C ILE B 69 -9.74 22.87 -16.54
N SER B 70 -9.80 22.66 -17.85
CA SER B 70 -10.64 21.63 -18.45
C SER B 70 -9.90 21.05 -19.64
N ARG B 71 -10.40 19.93 -20.15
CA ARG B 71 -9.67 19.20 -21.16
C ARG B 71 -10.64 18.51 -22.11
N ASP B 72 -10.41 18.69 -23.41
CA ASP B 72 -11.14 17.98 -24.46
C ASP B 72 -10.19 16.90 -24.98
N ASN B 73 -10.33 15.69 -24.44
CA ASN B 73 -9.42 14.61 -24.82
C ASN B 73 -9.59 14.23 -26.29
N ALA B 74 -10.77 14.45 -26.86
CA ALA B 74 -11.01 14.06 -28.24
C ALA B 74 -10.18 14.91 -29.20
N LYS B 75 -9.96 16.18 -28.88
CA LYS B 75 -9.16 17.07 -29.70
C LYS B 75 -7.81 17.38 -29.08
N ASN B 76 -7.49 16.76 -27.95
CA ASN B 76 -6.21 16.98 -27.26
C ASN B 76 -5.98 18.46 -26.97
N THR B 77 -6.99 19.08 -26.36
CA THR B 77 -6.93 20.49 -26.02
C THR B 77 -7.25 20.68 -24.54
N VAL B 78 -6.45 21.50 -23.88
CA VAL B 78 -6.69 21.90 -22.49
C VAL B 78 -7.00 23.39 -22.47
N TYR B 79 -7.93 23.78 -21.61
CA TYR B 79 -8.35 25.17 -21.48
C TYR B 79 -8.10 25.67 -20.07
N LEU B 80 -7.86 26.97 -19.94
CA LEU B 80 -7.75 27.63 -18.65
C LEU B 80 -8.74 28.80 -18.62
N GLN B 81 -9.80 28.66 -17.83
CA GLN B 81 -10.81 29.70 -17.68
C GLN B 81 -10.40 30.61 -16.53
N MET B 82 -10.15 31.88 -16.83
CA MET B 82 -9.63 32.84 -15.86
C MET B 82 -10.70 33.89 -15.59
N ASN B 83 -11.36 33.78 -14.44
CA ASN B 83 -12.34 34.76 -13.99
C ASN B 83 -11.78 35.55 -12.82
N SER B 84 -12.36 36.72 -12.58
CA SER B 84 -11.94 37.62 -11.49
C SER B 84 -10.46 37.96 -11.61
N LEU B 85 -10.04 38.33 -12.82
CA LEU B 85 -8.64 38.55 -13.09
C LEU B 85 -8.07 39.71 -12.25
N LYS B 86 -6.88 39.50 -11.73
CA LYS B 86 -6.17 40.44 -10.88
C LYS B 86 -4.85 40.84 -11.53
N PRO B 87 -4.29 42.00 -11.17
CA PRO B 87 -2.95 42.34 -11.67
C PRO B 87 -1.90 41.31 -11.34
N GLU B 88 -2.05 40.61 -10.22
CA GLU B 88 -1.10 39.55 -9.84
C GLU B 88 -1.05 38.42 -10.86
N ASP B 89 -2.10 38.27 -11.67
CA ASP B 89 -2.14 37.23 -12.70
C ASP B 89 -1.39 37.63 -13.96
N THR B 90 -0.85 38.85 -14.03
CA THR B 90 -0.13 39.30 -15.21
C THR B 90 1.18 38.52 -15.36
N ALA B 91 1.31 37.79 -16.46
CA ALA B 91 2.48 36.99 -16.75
C ALA B 91 2.33 36.42 -18.16
N VAL B 92 3.38 35.75 -18.62
CA VAL B 92 3.29 34.90 -19.80
C VAL B 92 2.86 33.52 -19.34
N TYR B 93 1.85 32.96 -19.99
CA TYR B 93 1.26 31.69 -19.58
C TYR B 93 1.69 30.60 -20.55
N TYR B 94 2.34 29.57 -20.03
CA TYR B 94 2.79 28.43 -20.81
C TYR B 94 1.97 27.20 -20.44
N CYS B 95 1.54 26.47 -21.46
CA CYS B 95 0.91 25.17 -21.25
C CYS B 95 1.97 24.08 -21.33
N ALA B 96 1.80 23.03 -20.53
CA ALA B 96 2.81 21.99 -20.40
C ALA B 96 2.16 20.62 -20.49
N ALA B 97 2.94 19.64 -20.96
CA ALA B 97 2.48 18.26 -21.07
C ALA B 97 3.49 17.33 -20.42
N GLN B 98 2.99 16.19 -19.94
CA GLN B 98 3.85 15.20 -19.31
C GLN B 98 4.70 14.48 -20.35
N SER B 99 5.98 14.32 -20.05
CA SER B 99 6.91 13.63 -20.95
C SER B 99 7.09 12.19 -20.50
N GLU B 100 7.31 11.30 -21.47
CA GLU B 100 7.48 9.89 -21.18
C GLU B 100 8.92 9.58 -20.76
N GLY B 102 8.12 9.78 -17.55
CA GLY B 102 8.56 10.50 -16.36
C GLY B 102 7.47 11.37 -15.78
N TYR B 103 7.51 11.57 -14.47
CA TYR B 103 6.51 12.38 -13.78
C TYR B 103 6.99 13.82 -13.63
N TRP B 104 7.30 14.42 -14.79
CA TRP B 104 7.62 15.84 -14.84
C TRP B 104 7.08 16.40 -16.14
N PHE B 105 6.89 17.72 -16.16
CA PHE B 105 6.46 18.42 -17.37
C PHE B 105 7.66 18.58 -18.30
N GLY B 106 7.58 17.98 -19.48
CA GLY B 106 8.70 17.99 -20.40
C GLY B 106 8.47 18.76 -21.68
N TYR B 107 7.21 18.95 -22.05
CA TYR B 107 6.85 19.63 -23.28
C TYR B 107 6.19 20.97 -22.97
N TRP B 108 6.59 22.01 -23.71
CA TRP B 108 6.16 23.37 -23.43
C TRP B 108 5.81 24.08 -24.72
N GLY B 109 4.68 24.78 -24.73
CA GLY B 109 4.38 25.71 -25.80
C GLY B 109 5.14 27.01 -25.61
N GLN B 110 5.11 27.85 -26.65
CA GLN B 110 5.88 29.09 -26.61
C GLN B 110 5.23 30.17 -25.76
N GLY B 111 3.97 30.01 -25.37
CA GLY B 111 3.38 30.86 -24.37
C GLY B 111 2.56 32.00 -24.95
N THR B 112 1.57 32.46 -24.18
CA THR B 112 0.75 33.60 -24.55
C THR B 112 0.76 34.61 -23.40
N GLN B 113 0.79 35.89 -23.75
CA GLN B 113 0.82 36.95 -22.75
C GLN B 113 -0.57 37.22 -22.21
N VAL B 114 -0.63 37.51 -20.90
CA VAL B 114 -1.86 37.94 -20.24
C VAL B 114 -1.52 39.15 -19.39
N THR B 115 -2.15 40.28 -19.68
CA THR B 115 -1.92 41.53 -18.94
C THR B 115 -3.24 41.99 -18.35
N VAL B 116 -3.24 42.28 -17.05
CA VAL B 116 -4.43 42.66 -16.31
C VAL B 116 -4.23 44.07 -15.77
N SER B 117 -5.10 44.99 -16.20
CA SER B 117 -5.02 46.38 -15.76
C SER B 117 -5.80 46.60 -14.47
C1 NAG C . 9.30 8.63 17.87
C2 NAG C . 9.24 10.17 17.94
C3 NAG C . 9.59 10.67 19.33
C4 NAG C . 8.73 9.98 20.39
C5 NAG C . 8.88 8.47 20.26
C6 NAG C . 8.03 7.70 21.22
C7 NAG C . 9.81 10.90 15.66
C8 NAG C . 10.86 11.54 14.79
N2 NAG C . 10.13 10.76 16.95
O3 NAG C . 9.38 12.08 19.39
O4 NAG C . 9.14 10.38 21.69
O5 NAG C . 8.49 8.07 18.94
O6 NAG C . 6.64 7.86 20.94
O7 NAG C . 8.73 10.53 15.21
H2 NAG C . 8.32 10.45 17.73
H3 NAG C . 10.52 10.48 19.52
H4 NAG C . 7.80 10.21 20.24
H5 NAG C . 9.83 8.22 20.39
H61 NAG C . 8.20 8.01 22.13
H62 NAG C . 8.25 6.75 21.16
H81 NAG C . 10.52 11.59 13.87
H82 NAG C . 11.67 10.99 14.81
H83 NAG C . 11.05 12.43 15.11
HN2 NAG C . 10.95 11.05 17.23
HO3 NAG C . 9.58 12.38 20.21
HO4 NAG C . 9.77 9.84 21.98
HO6 NAG C . 6.52 7.84 20.06
#